data_5MRT
#
_entry.id   5MRT
#
_cell.length_a   62.549
_cell.length_b   66.668
_cell.length_c   96.642
_cell.angle_alpha   90.00
_cell.angle_beta   90.00
_cell.angle_gamma   90.00
#
_symmetry.space_group_name_H-M   'P 21 21 21'
#
loop_
_entity.id
_entity.type
_entity.pdbx_description
1 polymer 'Lytic endopeptidase preproenzyme'
2 non-polymer 'FORMIC ACID'
3 non-polymer 'SODIUM ION'
4 non-polymer GLYCEROL
5 non-polymer 'CHLORIDE ION'
6 water water
#
_entity_poly.entity_id   1
_entity_poly.type   'polypeptide(L)'
_entity_poly.pdbx_seq_one_letter_code
;ATVQGGIEYRMPLPDGRVGLCSVGFPVTKGTIKGFATAGHCAKAGQSVQISGVNVGTFTASHFPNTDRAWVTIGAAHTLL
GSVTNYTGGSVAVKGSTEAAIGAAVCRSGRTTQYKCGTITAKNVTVNYGTLGTVSGLTRANNCTGRGDSGGSWITAAGQA
QGLTSGGNLPAGQNDNCSVPTSQRQTYFERINPVLSQYGLALVTS
;
_entity_poly.pdbx_strand_id   A,B
#
loop_
_chem_comp.id
_chem_comp.type
_chem_comp.name
_chem_comp.formula
CL non-polymer 'CHLORIDE ION' 'Cl -1'
FMT non-polymer 'FORMIC ACID' 'C H2 O2'
GOL non-polymer GLYCEROL 'C3 H8 O3'
NA non-polymer 'SODIUM ION' 'Na 1'
#
# COMPACT_ATOMS: atom_id res chain seq x y z
N ALA A 1 2.47 13.86 -26.34
CA ALA A 1 3.59 13.54 -25.48
C ALA A 1 4.21 12.22 -25.90
N THR A 2 5.43 11.94 -25.42
CA THR A 2 6.15 10.72 -25.77
C THR A 2 6.24 9.82 -24.54
N VAL A 3 5.92 8.53 -24.74
CA VAL A 3 5.98 7.53 -23.70
C VAL A 3 7.16 6.62 -24.00
N GLN A 4 8.09 6.54 -23.06
CA GLN A 4 9.33 5.79 -23.21
C GLN A 4 9.61 5.09 -21.90
N GLY A 5 10.25 3.93 -21.97
CA GLY A 5 10.58 3.20 -20.76
C GLY A 5 11.46 4.03 -19.84
N GLY A 6 11.11 4.02 -18.54
CA GLY A 6 11.94 4.59 -17.50
C GLY A 6 11.59 6.02 -17.09
N ILE A 7 10.80 6.73 -17.90
CA ILE A 7 10.54 8.14 -17.62
C ILE A 7 9.53 8.28 -16.50
N GLU A 8 9.48 9.48 -15.93
CA GLU A 8 8.51 9.77 -14.89
C GLU A 8 7.10 9.88 -15.46
N TYR A 9 6.12 9.40 -14.69
CA TYR A 9 4.74 9.84 -14.88
C TYR A 9 4.19 10.31 -13.54
N ARG A 10 3.16 11.15 -13.62
CA ARG A 10 2.58 11.76 -12.44
C ARG A 10 1.11 11.40 -12.36
N MET A 11 0.63 11.23 -11.14
CA MET A 11 -0.73 10.79 -10.90
C MET A 11 -1.45 11.82 -10.04
N PRO A 12 -2.40 12.59 -10.58
CA PRO A 12 -3.16 13.53 -9.74
C PRO A 12 -3.98 12.76 -8.70
N LEU A 13 -3.72 13.07 -7.44
CA LEU A 13 -4.42 12.49 -6.30
C LEU A 13 -5.31 13.52 -5.65
N PRO A 14 -6.18 13.11 -4.72
CA PRO A 14 -7.06 14.08 -4.05
C PRO A 14 -6.28 15.16 -3.30
N ASP A 15 -6.95 16.29 -3.09
CA ASP A 15 -6.44 17.38 -2.28
C ASP A 15 -5.15 17.96 -2.86
N GLY A 16 -5.01 17.93 -4.19
CA GLY A 16 -3.87 18.55 -4.82
C GLY A 16 -2.57 17.78 -4.72
N ARG A 17 -2.60 16.57 -4.18
CA ARG A 17 -1.40 15.75 -4.07
C ARG A 17 -1.10 15.07 -5.40
N VAL A 18 0.16 14.66 -5.56
CA VAL A 18 0.65 14.07 -6.81
C VAL A 18 1.50 12.87 -6.49
N GLY A 19 1.14 11.72 -7.05
CA GLY A 19 1.98 10.54 -6.95
C GLY A 19 2.94 10.43 -8.12
N LEU A 20 4.09 9.83 -7.85
CA LEU A 20 5.17 9.68 -8.83
C LEU A 20 5.51 8.21 -9.01
N CYS A 21 5.71 7.81 -10.26
CA CYS A 21 6.18 6.46 -10.57
C CYS A 21 6.91 6.53 -11.92
N SER A 22 7.44 5.39 -12.37
CA SER A 22 8.24 5.34 -13.59
C SER A 22 7.60 4.39 -14.60
N VAL A 23 7.64 4.79 -15.88
CA VAL A 23 7.13 3.94 -16.95
C VAL A 23 7.97 2.69 -17.06
N GLY A 24 7.29 1.54 -17.23
CA GLY A 24 7.98 0.28 -17.42
C GLY A 24 8.31 0.05 -18.89
N PHE A 25 7.35 -0.51 -19.64
CA PHE A 25 7.55 -0.72 -21.06
C PHE A 25 6.33 -0.26 -21.84
N PRO A 26 6.52 0.56 -22.86
CA PRO A 26 5.42 0.83 -23.80
C PRO A 26 4.96 -0.45 -24.46
N VAL A 27 3.64 -0.58 -24.59
CA VAL A 27 2.99 -1.78 -25.12
C VAL A 27 1.85 -1.36 -26.03
N THR A 28 1.39 -2.31 -26.85
CA THR A 28 0.11 -2.17 -27.53
C THR A 28 -0.79 -3.35 -27.18
N LYS A 29 -2.10 -3.09 -27.23
CA LYS A 29 -3.11 -4.15 -27.09
C LYS A 29 -4.02 -3.99 -28.29
N GLY A 30 -3.80 -4.81 -29.31
CA GLY A 30 -4.40 -4.48 -30.59
C GLY A 30 -3.78 -3.20 -31.07
N THR A 31 -4.61 -2.19 -31.38
CA THR A 31 -4.10 -0.88 -31.71
C THR A 31 -4.08 0.08 -30.53
N ILE A 32 -4.59 -0.33 -29.36
CA ILE A 32 -4.51 0.50 -28.16
C ILE A 32 -3.06 0.69 -27.75
N LYS A 33 -2.68 1.94 -27.47
CA LYS A 33 -1.37 2.25 -26.93
C LYS A 33 -1.39 2.18 -25.41
N GLY A 34 -0.24 1.84 -24.84
CA GLY A 34 -0.21 1.73 -23.38
C GLY A 34 1.19 1.60 -22.85
N PHE A 35 1.27 1.46 -21.52
CA PHE A 35 2.53 1.04 -20.93
C PHE A 35 2.27 0.20 -19.69
N ALA A 36 3.17 -0.75 -19.46
CA ALA A 36 3.14 -1.57 -18.26
C ALA A 36 3.96 -0.90 -17.16
N THR A 37 3.54 -1.14 -15.92
CA THR A 37 4.18 -0.51 -14.75
C THR A 37 3.81 -1.34 -13.52
N ALA A 38 4.11 -0.82 -12.33
CA ALA A 38 3.87 -1.54 -11.08
C ALA A 38 2.44 -1.32 -10.59
N GLY A 39 1.81 -2.38 -10.08
CA GLY A 39 0.49 -2.25 -9.49
C GLY A 39 0.47 -1.51 -8.18
N HIS A 40 1.62 -1.43 -7.50
CA HIS A 40 1.71 -0.62 -6.32
C HIS A 40 1.56 0.87 -6.63
N CYS A 41 1.65 1.26 -7.91
CA CYS A 41 1.58 2.67 -8.25
C CYS A 41 0.16 3.24 -8.25
N ALA A 42 -0.87 2.43 -8.52
CA ALA A 42 -2.20 3.01 -8.74
C ALA A 42 -3.24 1.92 -8.85
N LYS A 43 -4.51 2.34 -8.86
CA LYS A 43 -5.60 1.44 -9.17
C LYS A 43 -6.24 1.87 -10.46
N ALA A 44 -7.01 0.95 -11.05
CA ALA A 44 -7.68 1.22 -12.31
C ALA A 44 -8.54 2.47 -12.17
N GLY A 45 -8.45 3.36 -13.15
CA GLY A 45 -9.14 4.62 -13.11
C GLY A 45 -8.28 5.80 -12.73
N GLN A 46 -7.03 5.54 -12.30
CA GLN A 46 -6.11 6.61 -11.95
C GLN A 46 -5.63 7.30 -13.21
N SER A 47 -5.84 8.62 -13.31
CA SER A 47 -5.34 9.36 -14.45
C SER A 47 -3.82 9.49 -14.36
N VAL A 48 -3.20 9.70 -15.52
CA VAL A 48 -1.74 9.65 -15.67
C VAL A 48 -1.30 10.83 -16.53
N GLN A 49 -0.27 11.54 -16.08
CA GLN A 49 0.32 12.65 -16.81
C GLN A 49 1.78 12.36 -17.10
N ILE A 50 2.21 12.76 -18.29
CA ILE A 50 3.59 12.70 -18.73
C ILE A 50 3.90 14.03 -19.39
N SER A 51 5.06 14.61 -19.07
CA SER A 51 5.47 15.89 -19.64
C SER A 51 4.41 16.97 -19.42
N GLY A 52 3.73 16.94 -18.28
CA GLY A 52 2.77 17.98 -17.93
C GLY A 52 1.41 17.83 -18.57
N VAL A 53 1.17 16.74 -19.30
CA VAL A 53 -0.01 16.56 -20.13
C VAL A 53 -0.72 15.29 -19.72
N ASN A 54 -2.05 15.31 -19.71
N ASN A 54 -2.06 15.32 -19.67
CA ASN A 54 -2.81 14.09 -19.49
CA ASN A 54 -2.84 14.10 -19.53
C ASN A 54 -2.58 13.12 -20.66
C ASN A 54 -2.52 13.14 -20.67
N VAL A 55 -2.11 11.92 -20.35
CA VAL A 55 -1.80 10.94 -21.38
C VAL A 55 -2.65 9.69 -21.29
N GLY A 56 -3.27 9.37 -20.17
CA GLY A 56 -4.08 8.17 -20.12
C GLY A 56 -4.56 7.86 -18.72
N THR A 57 -4.98 6.61 -18.54
CA THR A 57 -5.60 6.15 -17.31
C THR A 57 -5.19 4.72 -17.06
N PHE A 58 -4.94 4.40 -15.79
CA PHE A 58 -4.70 3.00 -15.42
C PHE A 58 -5.89 2.15 -15.83
N THR A 59 -5.59 1.00 -16.45
CA THR A 59 -6.59 0.08 -16.98
C THR A 59 -6.76 -1.15 -16.11
N ALA A 60 -5.68 -1.64 -15.53
CA ALA A 60 -5.74 -2.76 -14.62
C ALA A 60 -4.55 -2.67 -13.69
N SER A 61 -4.73 -3.24 -12.49
CA SER A 61 -3.69 -3.21 -11.47
C SER A 61 -3.86 -4.42 -10.58
N HIS A 62 -2.76 -5.14 -10.34
CA HIS A 62 -2.77 -6.34 -9.51
C HIS A 62 -1.59 -6.29 -8.55
N PHE A 63 -1.87 -5.83 -7.33
CA PHE A 63 -0.94 -5.74 -6.23
C PHE A 63 -1.81 -5.83 -4.98
N PRO A 64 -1.32 -6.49 -3.92
CA PRO A 64 -0.08 -7.25 -3.83
C PRO A 64 -0.21 -8.66 -4.40
N ASN A 65 0.53 -9.62 -3.82
CA ASN A 65 0.70 -10.97 -4.36
C ASN A 65 1.49 -10.94 -5.66
N THR A 66 1.02 -10.20 -6.66
CA THR A 66 1.85 -9.74 -7.78
C THR A 66 2.13 -8.26 -7.59
N ASP A 67 2.83 -7.65 -8.56
CA ASP A 67 3.04 -6.21 -8.54
C ASP A 67 3.10 -5.72 -9.99
N ARG A 68 1.93 -5.52 -10.59
CA ARG A 68 1.84 -5.27 -12.02
C ARG A 68 0.61 -4.42 -12.31
N ALA A 69 0.66 -3.73 -13.45
CA ALA A 69 -0.44 -2.87 -13.88
C ALA A 69 -0.14 -2.41 -15.30
N TRP A 70 -1.16 -1.87 -15.96
CA TRP A 70 -0.88 -1.20 -17.22
C TRP A 70 -1.85 -0.04 -17.42
N VAL A 71 -1.38 0.91 -18.22
CA VAL A 71 -2.05 2.19 -18.43
C VAL A 71 -2.38 2.29 -19.91
N THR A 72 -3.64 2.64 -20.22
CA THR A 72 -4.01 2.93 -21.60
C THR A 72 -3.64 4.38 -21.92
N ILE A 73 -2.92 4.56 -23.02
CA ILE A 73 -2.40 5.86 -23.47
C ILE A 73 -3.22 6.32 -24.65
N GLY A 74 -3.56 7.61 -24.67
CA GLY A 74 -4.36 8.15 -25.76
C GLY A 74 -3.66 8.01 -27.11
N ALA A 75 -4.47 7.87 -28.17
CA ALA A 75 -3.94 7.57 -29.49
C ALA A 75 -3.05 8.67 -30.04
N ALA A 76 -3.18 9.91 -29.56
CA ALA A 76 -2.40 11.01 -30.10
C ALA A 76 -0.95 10.98 -29.64
N HIS A 77 -0.61 10.14 -28.68
CA HIS A 77 0.74 10.16 -28.11
C HIS A 77 1.63 9.13 -28.80
N THR A 78 2.93 9.34 -28.69
CA THR A 78 3.92 8.53 -29.38
C THR A 78 4.54 7.53 -28.42
N LEU A 79 4.53 6.25 -28.82
CA LEU A 79 5.25 5.23 -28.06
C LEU A 79 6.64 5.04 -28.64
N LEU A 80 7.64 5.02 -27.77
CA LEU A 80 9.02 4.67 -28.12
C LEU A 80 9.35 3.31 -27.55
N GLY A 81 9.75 2.38 -28.42
CA GLY A 81 10.12 1.04 -27.96
C GLY A 81 11.54 1.02 -27.42
N SER A 82 11.78 1.75 -26.34
CA SER A 82 13.12 1.88 -25.81
C SER A 82 13.02 2.31 -24.36
N VAL A 83 14.15 2.18 -23.66
CA VAL A 83 14.28 2.57 -22.25
C VAL A 83 15.29 3.71 -22.18
N THR A 84 14.89 4.84 -21.61
CA THR A 84 15.84 5.94 -21.51
C THR A 84 16.95 5.60 -20.50
N ASN A 85 18.16 6.07 -20.80
CA ASN A 85 19.27 5.98 -19.84
C ASN A 85 19.49 7.29 -19.11
N TYR A 86 18.59 8.25 -19.27
CA TYR A 86 18.58 9.53 -18.60
C TYR A 86 19.74 10.45 -19.00
N THR A 87 20.63 10.02 -19.90
CA THR A 87 21.73 10.88 -20.33
C THR A 87 21.79 11.00 -21.84
N GLY A 88 20.62 11.11 -22.47
CA GLY A 88 20.51 11.39 -23.88
C GLY A 88 20.38 10.17 -24.77
N GLY A 89 20.60 8.97 -24.25
CA GLY A 89 20.52 7.76 -25.02
C GLY A 89 19.35 6.87 -24.60
N SER A 90 19.28 5.72 -25.25
CA SER A 90 18.24 4.77 -24.91
C SER A 90 18.69 3.37 -25.30
N VAL A 91 18.05 2.39 -24.68
CA VAL A 91 18.26 0.99 -24.99
C VAL A 91 17.04 0.53 -25.77
N ALA A 92 17.24 0.12 -27.01
CA ALA A 92 16.11 -0.32 -27.84
C ALA A 92 15.57 -1.64 -27.32
N VAL A 93 14.25 -1.74 -27.23
CA VAL A 93 13.62 -2.99 -26.81
C VAL A 93 13.60 -3.97 -27.99
N LYS A 94 14.09 -5.19 -27.76
CA LYS A 94 14.19 -6.21 -28.81
C LYS A 94 13.30 -7.42 -28.56
N GLY A 95 12.83 -7.61 -27.33
CA GLY A 95 12.15 -8.84 -26.97
C GLY A 95 12.13 -8.97 -25.46
N SER A 96 11.75 -10.16 -25.01
CA SER A 96 11.67 -10.38 -23.57
C SER A 96 12.28 -11.72 -23.16
N THR A 97 13.42 -12.08 -23.75
CA THR A 97 14.14 -13.25 -23.23
C THR A 97 14.58 -13.00 -21.80
N GLU A 98 14.08 -13.81 -20.86
CA GLU A 98 14.39 -13.61 -19.46
C GLU A 98 15.82 -14.05 -19.15
N ALA A 99 16.59 -13.16 -18.54
CA ALA A 99 18.00 -13.39 -18.27
C ALA A 99 18.20 -14.20 -16.99
N ALA A 100 19.36 -14.83 -16.88
CA ALA A 100 19.66 -15.76 -15.81
C ALA A 100 20.20 -15.03 -14.58
N ILE A 101 20.24 -15.75 -13.46
CA ILE A 101 20.98 -15.26 -12.31
C ILE A 101 22.43 -14.98 -12.72
N GLY A 102 22.94 -13.83 -12.28
CA GLY A 102 24.26 -13.36 -12.65
C GLY A 102 24.28 -12.44 -13.86
N ALA A 103 23.19 -12.32 -14.60
CA ALA A 103 23.20 -11.52 -15.81
C ALA A 103 23.23 -10.03 -15.48
N ALA A 104 23.91 -9.27 -16.35
CA ALA A 104 23.94 -7.83 -16.21
C ALA A 104 22.61 -7.23 -16.62
N VAL A 105 22.08 -6.32 -15.81
N VAL A 105 22.07 -6.34 -15.79
CA VAL A 105 20.81 -5.69 -16.11
CA VAL A 105 20.79 -5.69 -16.05
C VAL A 105 20.82 -4.26 -15.57
C VAL A 105 20.88 -4.25 -15.59
N CYS A 106 20.14 -3.37 -16.28
CA CYS A 106 20.01 -1.99 -15.86
C CYS A 106 18.54 -1.68 -15.65
N ARG A 107 18.28 -0.79 -14.70
CA ARG A 107 16.93 -0.31 -14.47
C ARG A 107 16.89 1.21 -14.59
N SER A 108 15.74 1.72 -15.01
CA SER A 108 15.56 3.13 -15.32
C SER A 108 14.33 3.64 -14.59
N GLY A 109 14.48 4.75 -13.88
CA GLY A 109 13.33 5.34 -13.19
C GLY A 109 13.64 6.74 -12.74
N ARG A 110 12.59 7.43 -12.25
CA ARG A 110 12.70 8.88 -12.13
C ARG A 110 13.43 9.35 -10.88
N THR A 111 13.73 8.47 -9.93
CA THR A 111 14.41 8.91 -8.71
C THR A 111 15.92 8.72 -8.79
N THR A 112 16.40 7.54 -9.19
CA THR A 112 17.83 7.29 -9.28
C THR A 112 18.32 7.19 -10.72
N GLN A 113 17.45 7.46 -11.71
CA GLN A 113 17.80 7.47 -13.12
C GLN A 113 18.18 6.07 -13.56
N TYR A 114 19.34 5.90 -14.21
CA TYR A 114 19.73 4.65 -14.84
C TYR A 114 20.81 3.99 -14.00
N LYS A 115 20.51 2.83 -13.40
CA LYS A 115 21.44 2.16 -12.51
C LYS A 115 21.57 0.69 -12.89
N CYS A 116 22.79 0.17 -12.87
CA CYS A 116 23.09 -1.15 -13.40
C CYS A 116 23.63 -2.08 -12.32
N GLY A 117 23.36 -3.38 -12.50
CA GLY A 117 23.81 -4.38 -11.56
C GLY A 117 23.61 -5.76 -12.14
N THR A 118 23.57 -6.77 -11.26
CA THR A 118 23.36 -8.13 -11.71
C THR A 118 22.24 -8.80 -10.92
N ILE A 119 21.64 -9.80 -11.55
CA ILE A 119 20.55 -10.57 -10.95
C ILE A 119 21.13 -11.56 -9.95
N THR A 120 20.55 -11.62 -8.75
CA THR A 120 21.10 -12.44 -7.67
C THR A 120 20.17 -13.52 -7.16
N ALA A 121 18.86 -13.45 -7.43
CA ALA A 121 17.95 -14.47 -6.94
C ALA A 121 16.64 -14.37 -7.70
N LYS A 122 15.89 -15.46 -7.72
CA LYS A 122 14.58 -15.45 -8.35
C LYS A 122 13.53 -16.06 -7.44
N ASN A 123 12.28 -15.74 -7.75
CA ASN A 123 11.11 -16.26 -7.06
C ASN A 123 11.12 -15.90 -5.57
N VAL A 124 11.45 -14.64 -5.27
CA VAL A 124 11.55 -14.16 -3.89
C VAL A 124 10.23 -13.54 -3.46
N THR A 125 9.87 -13.76 -2.20
CA THR A 125 8.70 -13.13 -1.59
C THR A 125 9.15 -11.93 -0.76
N VAL A 126 8.49 -10.80 -0.94
CA VAL A 126 8.81 -9.58 -0.22
C VAL A 126 7.62 -9.20 0.66
N ASN A 127 7.93 -8.82 1.90
CA ASN A 127 6.92 -8.52 2.91
C ASN A 127 6.53 -7.05 2.86
N TYR A 128 5.22 -6.78 2.75
CA TYR A 128 4.72 -5.42 2.73
C TYR A 128 3.86 -5.08 3.95
N GLY A 129 4.13 -5.73 5.08
CA GLY A 129 3.48 -5.34 6.32
C GLY A 129 2.00 -5.65 6.28
N THR A 130 1.18 -4.66 6.63
CA THR A 130 -0.25 -4.91 6.69
C THR A 130 -0.85 -5.24 5.33
N LEU A 131 -0.21 -4.81 4.24
CA LEU A 131 -0.69 -5.12 2.90
C LEU A 131 -0.59 -6.61 2.55
N GLY A 132 0.29 -7.34 3.19
CA GLY A 132 0.55 -8.71 2.80
C GLY A 132 1.91 -8.82 2.15
N THR A 133 2.04 -9.69 1.17
CA THR A 133 3.31 -9.99 0.54
C THR A 133 3.16 -9.94 -0.97
N VAL A 134 4.30 -9.83 -1.65
CA VAL A 134 4.40 -10.02 -3.10
C VAL A 134 5.37 -11.16 -3.33
N SER A 135 4.94 -12.16 -4.11
CA SER A 135 5.75 -13.32 -4.38
C SER A 135 6.28 -13.30 -5.81
N GLY A 136 7.24 -14.19 -6.07
CA GLY A 136 7.73 -14.38 -7.43
C GLY A 136 8.64 -13.30 -7.97
N LEU A 137 9.20 -12.46 -7.10
CA LEU A 137 10.00 -11.34 -7.57
C LEU A 137 11.43 -11.80 -7.86
N THR A 138 12.07 -11.11 -8.78
CA THR A 138 13.50 -11.32 -9.02
C THR A 138 14.27 -10.27 -8.23
N ARG A 139 15.38 -10.70 -7.63
CA ARG A 139 16.25 -9.83 -6.84
C ARG A 139 17.51 -9.49 -7.64
N ALA A 140 17.98 -8.26 -7.50
CA ALA A 140 19.23 -7.83 -8.11
C ALA A 140 19.90 -6.82 -7.16
N ASN A 141 21.14 -6.45 -7.48
CA ASN A 141 21.86 -5.55 -6.58
C ASN A 141 21.96 -4.12 -7.13
N ASN A 142 21.16 -3.77 -8.12
CA ASN A 142 21.12 -2.41 -8.64
C ASN A 142 20.72 -1.41 -7.57
N CYS A 143 21.22 -0.18 -7.71
CA CYS A 143 20.75 0.95 -6.92
C CYS A 143 19.31 1.30 -7.28
N THR A 144 18.53 1.70 -6.28
CA THR A 144 17.15 2.11 -6.49
C THR A 144 16.71 3.03 -5.35
N GLY A 145 15.67 3.82 -5.62
CA GLY A 145 15.09 4.70 -4.63
C GLY A 145 13.59 4.80 -4.84
N ARG A 146 12.90 5.33 -3.82
CA ARG A 146 11.45 5.42 -3.90
C ARG A 146 11.04 6.36 -5.03
N GLY A 147 10.11 5.91 -5.87
CA GLY A 147 9.74 6.60 -7.08
C GLY A 147 10.22 5.89 -8.34
N ASP A 148 11.26 5.06 -8.22
CA ASP A 148 11.68 4.23 -9.34
C ASP A 148 10.65 3.16 -9.65
N SER A 149 9.71 2.92 -8.72
N SER A 149 9.73 2.90 -8.72
CA SER A 149 8.70 1.88 -8.86
CA SER A 149 8.70 1.89 -8.84
C SER A 149 8.06 1.89 -10.24
C SER A 149 8.04 1.89 -10.22
N GLY A 150 7.88 0.69 -10.79
CA GLY A 150 7.26 0.53 -12.09
C GLY A 150 8.20 0.62 -13.27
N GLY A 151 9.41 1.15 -13.05
CA GLY A 151 10.31 1.42 -14.16
C GLY A 151 10.97 0.19 -14.75
N SER A 152 11.59 0.42 -15.90
CA SER A 152 12.07 -0.66 -16.76
C SER A 152 13.30 -1.34 -16.19
N TRP A 153 13.38 -2.66 -16.38
CA TRP A 153 14.60 -3.43 -16.24
C TRP A 153 14.89 -4.06 -17.59
N ILE A 154 16.10 -3.88 -18.10
CA ILE A 154 16.42 -4.37 -19.44
C ILE A 154 17.89 -4.72 -19.49
N THR A 155 18.24 -5.71 -20.30
CA THR A 155 19.65 -5.96 -20.58
C THR A 155 20.15 -4.97 -21.62
N ALA A 156 21.46 -4.76 -21.62
CA ALA A 156 22.06 -3.87 -22.60
C ALA A 156 21.71 -4.26 -24.04
N ALA A 157 21.62 -5.58 -24.29
N ALA A 157 21.62 -5.57 -24.29
CA ALA A 157 21.26 -6.08 -25.60
C ALA A 157 19.78 -5.91 -25.93
N GLY A 158 18.98 -5.37 -25.02
CA GLY A 158 17.62 -4.98 -25.31
C GLY A 158 16.53 -5.98 -24.95
N GLN A 159 16.82 -6.95 -24.10
CA GLN A 159 15.79 -7.90 -23.69
C GLN A 159 15.12 -7.40 -22.42
N ALA A 160 13.82 -7.10 -22.52
CA ALA A 160 13.05 -6.59 -21.39
C ALA A 160 13.02 -7.62 -20.27
N GLN A 161 13.26 -7.18 -19.04
CA GLN A 161 13.30 -8.09 -17.91
C GLN A 161 12.16 -7.91 -16.93
N GLY A 162 11.77 -6.69 -16.62
CA GLY A 162 10.80 -6.52 -15.56
C GLY A 162 10.57 -5.07 -15.20
N LEU A 163 9.85 -4.91 -14.09
CA LEU A 163 9.32 -3.63 -13.62
C LEU A 163 9.69 -3.48 -12.15
N THR A 164 10.21 -2.31 -11.78
CA THR A 164 10.71 -2.12 -10.43
C THR A 164 9.59 -2.31 -9.42
N SER A 165 9.82 -3.18 -8.43
CA SER A 165 8.87 -3.40 -7.35
C SER A 165 9.48 -2.85 -6.07
N GLY A 166 8.84 -1.83 -5.50
CA GLY A 166 9.43 -1.19 -4.34
C GLY A 166 8.50 -0.19 -3.69
N GLY A 167 9.09 0.66 -2.86
CA GLY A 167 8.30 1.61 -2.12
C GLY A 167 7.84 2.78 -2.96
N ASN A 168 6.70 3.34 -2.59
CA ASN A 168 6.20 4.56 -3.19
C ASN A 168 6.79 5.78 -2.48
N LEU A 169 6.82 6.89 -3.19
CA LEU A 169 7.10 8.18 -2.57
C LEU A 169 5.86 8.67 -1.82
N PRO A 170 5.99 9.12 -0.58
CA PRO A 170 4.84 9.72 0.09
C PRO A 170 4.34 10.92 -0.70
N ALA A 171 3.03 11.13 -0.64
CA ALA A 171 2.41 12.27 -1.29
C ALA A 171 1.64 13.08 -0.26
N SER A 182 24.39 -11.33 -3.67
CA SER A 182 25.01 -10.05 -3.62
C SER A 182 24.07 -9.10 -2.94
N GLN A 183 24.63 -7.99 -2.50
CA GLN A 183 24.37 -7.38 -1.22
C GLN A 183 23.33 -6.23 -1.04
N ARG A 184 23.29 -5.27 -1.92
CA ARG A 184 22.06 -4.42 -2.04
C ARG A 184 20.99 -5.46 -2.46
N GLN A 185 19.73 -5.26 -2.07
CA GLN A 185 18.63 -6.14 -2.42
C GLN A 185 17.49 -5.31 -3.00
N THR A 186 17.37 -5.36 -4.32
CA THR A 186 16.40 -4.61 -5.10
C THR A 186 15.56 -5.62 -5.88
N TYR A 187 14.28 -5.32 -6.12
CA TYR A 187 13.39 -6.32 -6.69
C TYR A 187 12.68 -5.83 -7.94
N PHE A 188 12.40 -6.75 -8.86
CA PHE A 188 11.53 -6.40 -9.97
C PHE A 188 10.55 -7.52 -10.26
N GLU A 189 9.40 -7.11 -10.79
CA GLU A 189 8.36 -8.01 -11.28
C GLU A 189 8.72 -8.47 -12.69
N ARG A 190 8.72 -9.78 -12.94
CA ARG A 190 9.11 -10.28 -14.25
C ARG A 190 8.12 -9.82 -15.31
N ILE A 191 8.65 -9.41 -16.47
CA ILE A 191 7.79 -8.78 -17.48
C ILE A 191 6.92 -9.80 -18.20
N ASN A 192 7.43 -11.01 -18.48
CA ASN A 192 6.63 -11.93 -19.29
C ASN A 192 5.30 -12.30 -18.65
N PRO A 193 5.19 -12.58 -17.35
CA PRO A 193 3.86 -12.82 -16.78
C PRO A 193 2.94 -11.62 -16.88
N VAL A 194 3.49 -10.40 -16.87
CA VAL A 194 2.65 -9.21 -16.96
C VAL A 194 2.08 -9.07 -18.38
N LEU A 195 2.95 -9.19 -19.39
CA LEU A 195 2.48 -9.17 -20.76
C LEU A 195 1.43 -10.22 -21.00
N SER A 196 1.62 -11.40 -20.43
CA SER A 196 0.69 -12.50 -20.68
CA SER A 196 0.70 -12.50 -20.68
C SER A 196 -0.65 -12.26 -19.99
N GLN A 197 -0.63 -11.81 -18.75
CA GLN A 197 -1.88 -11.62 -18.02
C GLN A 197 -2.76 -10.59 -18.72
N TYR A 198 -2.16 -9.46 -19.12
CA TYR A 198 -2.90 -8.36 -19.71
C TYR A 198 -3.02 -8.43 -21.23
N GLY A 199 -2.35 -9.37 -21.88
CA GLY A 199 -2.41 -9.51 -23.32
C GLY A 199 -1.75 -8.37 -24.04
N LEU A 200 -0.53 -8.03 -23.65
CA LEU A 200 0.16 -6.86 -24.15
C LEU A 200 1.37 -7.28 -25.00
N ALA A 201 1.60 -6.53 -26.08
CA ALA A 201 2.77 -6.72 -26.92
C ALA A 201 3.75 -5.56 -26.69
N LEU A 202 5.01 -5.90 -26.36
CA LEU A 202 6.04 -4.87 -26.25
C LEU A 202 6.19 -4.11 -27.55
N VAL A 203 6.35 -2.79 -27.45
CA VAL A 203 6.84 -1.99 -28.57
C VAL A 203 8.33 -2.20 -28.68
N THR A 204 8.82 -2.51 -29.88
CA THR A 204 10.23 -2.77 -30.10
C THR A 204 10.79 -1.73 -31.08
N SER A 205 12.13 -1.68 -31.15
CA SER A 205 12.79 -0.75 -32.05
C SER A 205 14.21 -1.22 -32.34
N ALA B 1 -18.71 -11.66 25.49
CA ALA B 1 -17.30 -11.42 25.23
C ALA B 1 -16.91 -10.01 25.65
N THR B 2 -15.60 -9.76 25.68
CA THR B 2 -15.06 -8.48 26.12
C THR B 2 -14.33 -7.81 24.96
N VAL B 3 -14.68 -6.55 24.70
CA VAL B 3 -14.13 -5.77 23.61
C VAL B 3 -13.17 -4.75 24.20
N GLN B 4 -11.90 -4.83 23.80
CA GLN B 4 -10.86 -3.97 24.34
C GLN B 4 -9.97 -3.50 23.20
N GLY B 5 -9.42 -2.30 23.30
CA GLY B 5 -8.55 -1.81 22.24
C GLY B 5 -7.35 -2.72 22.06
N GLY B 6 -7.01 -2.99 20.80
CA GLY B 6 -5.79 -3.70 20.43
C GLY B 6 -5.92 -5.20 20.27
N ILE B 7 -7.03 -5.80 20.70
CA ILE B 7 -7.18 -7.25 20.67
C ILE B 7 -7.59 -7.69 19.27
N GLU B 8 -7.35 -8.97 19.00
CA GLU B 8 -7.72 -9.58 17.73
C GLU B 8 -9.24 -9.64 17.57
N TYR B 9 -9.71 -9.45 16.34
CA TYR B 9 -11.02 -9.93 15.96
C TYR B 9 -10.89 -10.67 14.64
N ARG B 10 -11.84 -11.59 14.43
CA ARG B 10 -11.84 -12.47 13.29
C ARG B 10 -13.05 -12.19 12.40
N MET B 11 -12.85 -12.34 11.10
CA MET B 11 -13.88 -12.10 10.08
C MET B 11 -14.05 -13.35 9.22
N PRO B 12 -15.10 -14.13 9.44
CA PRO B 12 -15.34 -15.29 8.57
C PRO B 12 -15.74 -14.86 7.17
N LEU B 13 -15.11 -15.48 6.18
CA LEU B 13 -15.26 -15.09 4.80
C LEU B 13 -15.99 -16.12 3.96
N PRO B 14 -16.60 -15.65 2.87
CA PRO B 14 -17.16 -16.54 1.81
C PRO B 14 -16.52 -17.91 1.70
N ASP B 15 -15.28 -17.96 1.23
CA ASP B 15 -14.58 -19.18 0.80
C ASP B 15 -14.26 -20.15 1.94
N GLY B 16 -14.56 -19.79 3.19
CA GLY B 16 -14.14 -20.56 4.35
C GLY B 16 -12.92 -20.01 5.05
N ARG B 17 -12.25 -19.01 4.47
CA ARG B 17 -11.11 -18.41 5.12
C ARG B 17 -11.55 -17.48 6.23
N VAL B 18 -10.57 -16.93 6.95
CA VAL B 18 -10.82 -16.03 8.06
C VAL B 18 -9.86 -14.85 7.93
N GLY B 19 -10.40 -13.64 8.00
CA GLY B 19 -9.56 -12.46 8.02
C GLY B 19 -9.29 -12.01 9.44
N LEU B 20 -8.13 -11.40 9.65
CA LEU B 20 -7.72 -10.92 10.96
C LEU B 20 -7.50 -9.42 10.93
N CYS B 21 -7.98 -8.74 11.96
CA CYS B 21 -7.67 -7.33 12.18
C CYS B 21 -7.69 -7.09 13.70
N SER B 22 -7.45 -5.84 14.09
CA SER B 22 -7.36 -5.49 15.51
C SER B 22 -8.38 -4.43 15.88
N VAL B 23 -8.94 -4.56 17.10
CA VAL B 23 -9.86 -3.54 17.61
C VAL B 23 -9.12 -2.23 17.83
N GLY B 24 -9.71 -1.14 17.36
CA GLY B 24 -9.16 0.18 17.66
C GLY B 24 -9.60 0.71 19.01
N PHE B 25 -10.83 1.24 19.07
CA PHE B 25 -11.35 1.78 20.33
C PHE B 25 -12.82 1.39 20.51
N PRO B 26 -13.16 0.78 21.63
CA PRO B 26 -14.58 0.63 21.97
C PRO B 26 -15.24 2.00 22.01
N VAL B 27 -16.49 2.05 21.53
CA VAL B 27 -17.23 3.30 21.43
C VAL B 27 -18.69 3.01 21.75
N THR B 28 -19.42 4.09 22.03
CA THR B 28 -20.88 4.01 22.04
C THR B 28 -21.45 5.00 21.02
N LYS B 29 -22.65 4.70 20.54
CA LYS B 29 -23.47 5.64 19.78
C LYS B 29 -24.81 5.71 20.50
N GLY B 30 -24.90 6.57 21.51
CA GLY B 30 -26.04 6.49 22.39
C GLY B 30 -26.00 5.16 23.11
N THR B 31 -27.12 4.43 23.09
CA THR B 31 -27.17 3.13 23.74
C THR B 31 -26.53 2.02 22.90
N ILE B 32 -26.11 2.31 21.67
CA ILE B 32 -25.49 1.30 20.82
C ILE B 32 -24.03 1.13 21.21
N LYS B 33 -23.57 -0.12 21.31
CA LYS B 33 -22.19 -0.45 21.58
C LYS B 33 -21.45 -0.74 20.27
N GLY B 34 -20.14 -0.48 20.27
CA GLY B 34 -19.38 -0.78 19.08
C GLY B 34 -17.89 -0.59 19.28
N PHE B 35 -17.14 -0.73 18.18
CA PHE B 35 -15.73 -0.35 18.20
C PHE B 35 -15.34 0.20 16.84
N ALA B 36 -14.39 1.13 16.84
CA ALA B 36 -13.81 1.68 15.62
C ALA B 36 -12.62 0.85 15.18
N THR B 37 -12.42 0.74 13.87
CA THR B 37 -11.32 -0.05 13.31
C THR B 37 -11.02 0.51 11.93
N ALA B 38 -10.19 -0.21 11.15
CA ALA B 38 -9.82 0.23 9.81
C ALA B 38 -10.85 -0.21 8.79
N GLY B 39 -11.13 0.68 7.82
CA GLY B 39 -12.09 0.34 6.79
C GLY B 39 -11.57 -0.68 5.80
N HIS B 40 -10.26 -0.78 5.62
CA HIS B 40 -9.78 -1.79 4.68
C HIS B 40 -9.91 -3.20 5.24
N CYS B 41 -10.27 -3.36 6.51
CA CYS B 41 -10.47 -4.69 7.06
C CYS B 41 -11.69 -5.37 6.46
N ALA B 42 -12.78 -4.63 6.26
CA ALA B 42 -14.00 -5.23 5.73
C ALA B 42 -14.98 -4.13 5.36
N LYS B 43 -15.94 -4.48 4.51
CA LYS B 43 -17.06 -3.61 4.19
C LYS B 43 -18.22 -3.85 5.14
N ALA B 44 -19.18 -2.92 5.12
CA ALA B 44 -20.39 -3.05 5.92
C ALA B 44 -21.03 -4.43 5.70
N GLY B 45 -21.50 -5.02 6.78
CA GLY B 45 -22.18 -6.30 6.72
C GLY B 45 -21.33 -7.48 7.14
N GLN B 46 -20.01 -7.31 7.19
CA GLN B 46 -19.12 -8.40 7.57
C GLN B 46 -19.28 -8.73 9.05
N SER B 47 -19.50 -10.01 9.36
CA SER B 47 -19.61 -10.43 10.74
C SER B 47 -18.24 -10.44 11.41
N VAL B 48 -18.26 -10.28 12.72
CA VAL B 48 -17.05 -10.11 13.52
C VAL B 48 -17.11 -11.07 14.69
N GLN B 49 -15.99 -11.74 14.97
CA GLN B 49 -15.86 -12.64 16.10
C GLN B 49 -14.75 -12.17 17.02
N ILE B 50 -15.01 -12.15 18.32
CA ILE B 50 -14.01 -11.91 19.35
C ILE B 50 -14.09 -13.07 20.32
N SER B 51 -12.93 -13.56 20.76
CA SER B 51 -12.87 -14.73 21.64
C SER B 51 -13.64 -15.90 21.05
N GLY B 52 -13.70 -15.97 19.72
CA GLY B 52 -14.27 -17.11 19.05
C GLY B 52 -15.77 -17.11 18.89
N VAL B 53 -16.49 -16.11 19.41
CA VAL B 53 -17.94 -16.03 19.25
C VAL B 53 -18.30 -14.82 18.42
N ASN B 54 -19.44 -14.90 17.74
N ASN B 54 -19.44 -14.89 17.74
CA ASN B 54 -19.95 -13.74 17.01
CA ASN B 54 -19.96 -13.74 17.01
C ASN B 54 -20.29 -12.64 18.01
C ASN B 54 -20.32 -12.63 17.99
N VAL B 55 -19.79 -11.43 17.75
CA VAL B 55 -20.04 -10.29 18.62
C VAL B 55 -20.67 -9.12 17.90
N GLY B 56 -20.72 -9.11 16.57
CA GLY B 56 -21.33 -8.00 15.88
C GLY B 56 -21.02 -8.02 14.39
N THR B 57 -21.20 -6.85 13.78
CA THR B 57 -21.17 -6.70 12.33
C THR B 57 -20.60 -5.33 11.99
N PHE B 58 -19.83 -5.26 10.91
CA PHE B 58 -19.41 -3.97 10.38
C PHE B 58 -20.62 -3.14 10.01
N THR B 59 -20.72 -1.93 10.58
CA THR B 59 -21.89 -1.10 10.34
C THR B 59 -21.64 -0.11 9.22
N ALA B 60 -20.45 0.46 9.16
CA ALA B 60 -20.07 1.34 8.06
C ALA B 60 -18.57 1.15 7.84
N SER B 61 -18.13 1.42 6.62
CA SER B 61 -16.72 1.28 6.30
C SER B 61 -16.38 2.24 5.17
N HIS B 62 -15.31 3.01 5.34
CA HIS B 62 -14.91 4.03 4.37
C HIS B 62 -13.42 3.88 4.05
N PHE B 63 -13.16 3.11 2.98
CA PHE B 63 -11.82 2.87 2.44
C PHE B 63 -12.00 2.60 0.95
N PRO B 64 -11.11 3.15 0.09
CA PRO B 64 -9.96 4.01 0.40
C PRO B 64 -10.33 5.48 0.60
N ASN B 65 -9.37 6.37 0.34
CA ASN B 65 -9.47 7.81 0.57
C ASN B 65 -9.45 8.15 2.06
N THR B 66 -10.30 7.50 2.84
CA THR B 66 -10.10 7.38 4.28
C THR B 66 -9.74 5.91 4.57
N ASP B 67 -9.49 5.60 5.85
CA ASP B 67 -9.34 4.19 6.23
C ASP B 67 -9.94 4.02 7.63
N ARG B 68 -11.26 3.86 7.66
CA ARG B 68 -12.00 3.88 8.91
C ARG B 68 -13.25 3.03 8.74
N ALA B 69 -13.78 2.57 9.88
CA ALA B 69 -14.97 1.73 9.92
C ALA B 69 -15.40 1.62 11.36
N TRP B 70 -16.64 1.18 11.57
CA TRP B 70 -17.02 0.83 12.93
C TRP B 70 -17.97 -0.36 12.90
N VAL B 71 -17.95 -1.09 14.01
CA VAL B 71 -18.63 -2.37 14.15
C VAL B 71 -19.64 -2.22 15.28
N THR B 72 -20.90 -2.55 15.03
CA THR B 72 -21.89 -2.57 16.10
C THR B 72 -21.75 -3.88 16.87
N ILE B 73 -21.59 -3.77 18.19
CA ILE B 73 -21.37 -4.90 19.09
C ILE B 73 -22.67 -5.22 19.79
N GLY B 74 -22.98 -6.52 19.88
CA GLY B 74 -24.17 -6.96 20.59
C GLY B 74 -24.23 -6.43 22.00
N ALA B 75 -25.42 -6.00 22.43
CA ALA B 75 -25.56 -5.26 23.67
C ALA B 75 -25.13 -6.05 24.91
N ALA B 76 -25.06 -7.38 24.84
CA ALA B 76 -24.69 -8.18 26.01
C ALA B 76 -23.18 -8.21 26.25
N HIS B 77 -22.38 -7.83 25.26
CA HIS B 77 -20.94 -7.86 25.44
C HIS B 77 -20.45 -6.62 26.18
N THR B 78 -19.25 -6.74 26.74
CA THR B 78 -18.70 -5.73 27.62
C THR B 78 -17.68 -4.91 26.85
N LEU B 79 -17.80 -3.59 26.92
CA LEU B 79 -16.80 -2.68 26.38
C LEU B 79 -15.85 -2.26 27.48
N LEU B 80 -14.54 -2.39 27.23
CA LEU B 80 -13.51 -1.89 28.13
C LEU B 80 -12.86 -0.67 27.50
N GLY B 81 -12.90 0.45 28.20
CA GLY B 81 -12.28 1.67 27.72
C GLY B 81 -10.79 1.70 27.98
N SER B 82 -10.07 0.81 27.31
CA SER B 82 -8.63 0.69 27.52
C SER B 82 -8.03 -0.04 26.33
N VAL B 83 -6.71 -0.01 26.27
CA VAL B 83 -5.92 -0.62 25.21
C VAL B 83 -4.99 -1.63 25.85
N THR B 84 -5.07 -2.89 25.44
CA THR B 84 -4.19 -3.89 26.04
C THR B 84 -2.74 -3.61 25.67
N ASN B 85 -1.83 -3.86 26.60
CA ASN B 85 -0.41 -3.70 26.31
C ASN B 85 0.27 -5.04 26.07
N TYR B 86 -0.50 -6.12 26.04
CA TYR B 86 -0.05 -7.47 25.68
C TYR B 86 0.96 -8.05 26.66
N THR B 87 1.22 -7.40 27.79
CA THR B 87 2.07 -7.98 28.82
C THR B 87 1.38 -8.00 30.16
N GLY B 88 0.05 -8.09 30.17
CA GLY B 88 -0.72 -8.24 31.38
C GLY B 88 -1.42 -6.99 31.85
N GLY B 89 -1.20 -5.86 31.19
CA GLY B 89 -1.84 -4.62 31.59
C GLY B 89 -2.54 -3.92 30.46
N SER B 90 -2.88 -2.66 30.67
CA SER B 90 -3.62 -1.91 29.67
C SER B 90 -3.42 -0.43 29.93
N VAL B 91 -3.69 0.37 28.90
CA VAL B 91 -3.67 1.82 29.01
C VAL B 91 -5.12 2.28 29.01
N ALA B 92 -5.52 3.00 30.06
CA ALA B 92 -6.89 3.48 30.15
C ALA B 92 -7.09 4.65 29.18
N VAL B 93 -8.21 4.62 28.46
CA VAL B 93 -8.55 5.67 27.51
C VAL B 93 -9.13 6.86 28.30
N LYS B 94 -8.53 8.03 28.12
CA LYS B 94 -8.91 9.21 28.88
C LYS B 94 -9.55 10.30 28.02
N GLY B 95 -9.42 10.22 26.71
CA GLY B 95 -9.84 11.29 25.83
C GLY B 95 -9.15 11.10 24.49
N SER B 96 -9.26 12.12 23.63
CA SER B 96 -8.65 12.08 22.30
C SER B 96 -7.91 13.39 21.98
N THR B 97 -7.15 13.93 22.93
CA THR B 97 -6.25 15.02 22.59
C THR B 97 -5.22 14.52 21.59
N GLU B 98 -5.21 15.11 20.40
CA GLU B 98 -4.32 14.64 19.36
C GLU B 98 -2.90 15.12 19.62
N ALA B 99 -1.95 14.20 19.59
CA ALA B 99 -0.55 14.52 19.84
C ALA B 99 0.10 15.05 18.57
N ALA B 100 1.11 15.88 18.75
CA ALA B 100 1.79 16.55 17.65
C ALA B 100 2.97 15.73 17.13
N ILE B 101 3.48 16.14 15.95
CA ILE B 101 4.69 15.54 15.41
C ILE B 101 5.81 15.65 16.43
N GLY B 102 6.53 14.54 16.64
CA GLY B 102 7.55 14.44 17.66
C GLY B 102 7.11 13.71 18.91
N ALA B 103 5.80 13.64 19.17
CA ALA B 103 5.32 13.03 20.39
C ALA B 103 5.44 11.52 20.35
N ALA B 104 5.71 10.93 21.51
CA ALA B 104 5.72 9.49 21.64
C ALA B 104 4.29 8.94 21.62
N VAL B 105 4.09 7.84 20.90
CA VAL B 105 2.78 7.21 20.79
C VAL B 105 2.98 5.70 20.76
N CYS B 106 1.98 4.96 21.26
CA CYS B 106 2.06 3.51 21.32
C CYS B 106 0.97 2.87 20.47
N ARG B 107 1.33 1.76 19.83
CA ARG B 107 0.50 0.99 18.92
C ARG B 107 0.20 -0.37 19.55
N SER B 108 -1.02 -0.85 19.39
CA SER B 108 -1.43 -2.16 19.90
C SER B 108 -2.12 -2.93 18.79
N GLY B 109 -1.70 -4.18 18.57
CA GLY B 109 -2.37 -5.03 17.58
C GLY B 109 -1.99 -6.48 17.80
N ARG B 110 -2.79 -7.36 17.18
CA ARG B 110 -2.66 -8.78 17.48
C ARG B 110 -1.46 -9.44 16.81
N THR B 111 -0.79 -8.77 15.86
CA THR B 111 0.36 -9.35 15.19
C THR B 111 1.69 -8.95 15.80
N THR B 112 1.87 -7.67 16.15
CA THR B 112 3.11 -7.17 16.76
C THR B 112 2.93 -6.72 18.20
N GLN B 113 1.75 -6.92 18.78
CA GLN B 113 1.49 -6.61 20.18
C GLN B 113 1.64 -5.10 20.42
N TYR B 114 2.41 -4.70 21.44
CA TYR B 114 2.44 -3.32 21.93
C TYR B 114 3.83 -2.74 21.71
N LYS B 115 3.90 -1.56 21.10
CA LYS B 115 5.18 -0.88 20.92
C LYS B 115 4.98 0.63 20.87
N CYS B 116 5.92 1.38 21.42
CA CYS B 116 5.87 2.84 21.39
C CYS B 116 6.99 3.40 20.53
N GLY B 117 6.69 4.52 19.89
CA GLY B 117 7.62 5.23 19.03
C GLY B 117 7.16 6.67 18.95
N THR B 118 7.72 7.42 17.99
CA THR B 118 7.37 8.82 17.86
C THR B 118 6.64 9.09 16.54
N ILE B 119 5.80 10.13 16.57
CA ILE B 119 5.16 10.63 15.37
C ILE B 119 6.17 11.41 14.54
N THR B 120 6.24 11.10 13.24
CA THR B 120 7.21 11.74 12.36
C THR B 120 6.59 12.61 11.26
N ALA B 121 5.31 12.46 10.96
CA ALA B 121 4.70 13.26 9.89
C ALA B 121 3.19 13.18 10.01
N LYS B 122 2.52 14.18 9.46
CA LYS B 122 1.06 14.23 9.44
C LYS B 122 0.55 14.62 8.07
N ASN B 123 -0.72 14.31 7.83
CA ASN B 123 -1.44 14.67 6.61
C ASN B 123 -0.78 14.09 5.37
N VAL B 124 -0.36 12.84 5.47
CA VAL B 124 0.34 12.17 4.38
C VAL B 124 -0.66 11.40 3.55
N THR B 125 -0.54 11.53 2.23
CA THR B 125 -1.31 10.69 1.31
C THR B 125 -0.49 9.45 1.01
N VAL B 126 -1.03 8.29 1.37
CA VAL B 126 -0.37 7.02 1.23
C VAL B 126 -0.96 6.31 0.03
N ASN B 127 -0.12 5.70 -0.78
CA ASN B 127 -0.55 5.07 -2.03
C ASN B 127 -0.48 3.56 -1.87
N TYR B 128 -1.63 2.90 -1.73
CA TYR B 128 -1.70 1.45 -1.62
C TYR B 128 -1.89 0.77 -2.97
N GLY B 129 -1.63 1.48 -4.05
CA GLY B 129 -1.67 0.89 -5.38
C GLY B 129 -3.07 0.43 -5.76
N THR B 130 -3.19 -0.87 -6.09
CA THR B 130 -4.48 -1.43 -6.48
C THR B 130 -5.60 -1.09 -5.50
N LEU B 131 -5.27 -0.97 -4.22
CA LEU B 131 -6.28 -0.72 -3.21
C LEU B 131 -6.68 0.75 -3.11
N GLY B 132 -5.99 1.65 -3.80
CA GLY B 132 -6.29 3.07 -3.79
C GLY B 132 -5.34 3.85 -2.89
N THR B 133 -5.59 5.15 -2.81
CA THR B 133 -4.81 6.02 -1.93
C THR B 133 -5.65 6.37 -0.71
N VAL B 134 -4.97 6.73 0.37
CA VAL B 134 -5.61 7.24 1.58
C VAL B 134 -4.95 8.57 1.94
N SER B 135 -5.77 9.60 2.13
CA SER B 135 -5.30 10.94 2.47
C SER B 135 -5.25 11.13 3.98
N GLY B 136 -4.46 12.11 4.40
CA GLY B 136 -4.52 12.62 5.76
C GLY B 136 -3.97 11.74 6.85
N LEU B 137 -3.07 10.81 6.52
CA LEU B 137 -2.59 9.86 7.51
C LEU B 137 -1.40 10.40 8.30
N THR B 138 -1.26 9.90 9.52
CA THR B 138 -0.15 10.28 10.40
C THR B 138 0.88 9.16 10.40
N ARG B 139 2.16 9.54 10.29
N ARG B 139 2.15 9.52 10.26
CA ARG B 139 3.27 8.58 10.22
CA ARG B 139 3.23 8.54 10.24
C ARG B 139 3.97 8.49 11.57
C ARG B 139 3.91 8.49 11.59
N ALA B 140 4.25 7.28 12.03
CA ALA B 140 4.99 7.08 13.26
C ALA B 140 5.90 5.87 13.09
N ASN B 141 6.94 5.77 13.93
CA ASN B 141 7.92 4.72 13.70
C ASN B 141 7.72 3.52 14.63
N ASN B 142 6.50 2.98 14.67
CA ASN B 142 6.24 1.64 15.18
C ASN B 142 5.94 0.76 13.97
N CYS B 143 6.59 -0.40 13.91
CA CYS B 143 6.30 -1.33 12.82
C CYS B 143 4.96 -2.01 13.07
N THR B 144 4.32 -2.44 11.98
CA THR B 144 3.11 -3.24 12.07
C THR B 144 3.19 -4.36 11.06
N GLY B 145 2.44 -5.43 11.33
CA GLY B 145 2.34 -6.55 10.44
C GLY B 145 0.89 -6.82 10.08
N ARG B 146 0.70 -7.69 9.09
CA ARG B 146 -0.67 -8.03 8.69
C ARG B 146 -1.43 -8.61 9.88
N GLY B 147 -2.62 -8.06 10.12
CA GLY B 147 -3.43 -8.37 11.27
C GLY B 147 -3.48 -7.26 12.29
N ASP B 148 -2.51 -6.35 12.26
CA ASP B 148 -2.48 -5.19 13.14
C ASP B 148 -3.45 -4.11 12.71
N SER B 149 -3.93 -4.15 11.47
CA SER B 149 -4.73 -3.05 10.94
C SER B 149 -5.96 -2.80 11.80
N GLY B 150 -6.29 -1.53 11.97
CA GLY B 150 -7.40 -1.13 12.81
C GLY B 150 -7.04 -0.94 14.27
N GLY B 151 -5.87 -1.41 14.70
CA GLY B 151 -5.55 -1.44 16.11
C GLY B 151 -5.23 -0.07 16.68
N SER B 152 -5.28 0.01 18.01
CA SER B 152 -5.22 1.27 18.73
C SER B 152 -3.85 1.94 18.64
N TRP B 153 -3.86 3.26 18.43
CA TRP B 153 -2.73 4.14 18.72
C TRP B 153 -3.14 5.05 19.88
N ILE B 154 -2.34 5.06 20.94
CA ILE B 154 -2.68 5.82 22.14
C ILE B 154 -1.38 6.31 22.77
N THR B 155 -1.43 7.49 23.40
CA THR B 155 -0.26 7.89 24.19
C THR B 155 -0.25 7.11 25.50
N ALA B 156 0.94 6.98 26.10
CA ALA B 156 1.03 6.31 27.38
C ALA B 156 0.15 6.99 28.43
N ALA B 157 -0.07 8.30 28.28
N ALA B 157 -0.07 8.30 28.28
CA ALA B 157 -0.92 9.06 29.18
C ALA B 157 -2.40 8.84 28.95
N GLY B 158 -2.78 8.06 27.94
CA GLY B 158 -4.15 7.64 27.75
C GLY B 158 -4.97 8.39 26.72
N GLN B 159 -4.36 9.22 25.89
CA GLN B 159 -5.09 9.97 24.89
C GLN B 159 -5.13 9.20 23.57
N ALA B 160 -6.32 8.81 23.15
CA ALA B 160 -6.49 8.06 21.91
C ALA B 160 -6.02 8.89 20.71
N GLN B 161 -5.29 8.23 19.80
CA GLN B 161 -4.69 8.88 18.64
C GLN B 161 -5.24 8.41 17.31
N GLY B 162 -5.47 7.11 17.13
CA GLY B 162 -5.89 6.66 15.82
C GLY B 162 -5.87 5.15 15.67
N LEU B 163 -5.84 4.73 14.41
CA LEU B 163 -6.15 3.36 14.00
C LEU B 163 -5.16 2.94 12.94
N THR B 164 -4.54 1.76 13.10
CA THR B 164 -3.48 1.34 12.18
C THR B 164 -4.03 1.21 10.77
N SER B 165 -3.37 1.89 9.83
CA SER B 165 -3.71 1.69 8.43
C SER B 165 -2.65 0.87 7.70
N GLY B 166 -1.39 1.24 7.79
CA GLY B 166 -0.36 0.43 7.15
C GLY B 166 0.98 1.14 7.02
N GLY B 167 2.03 0.36 6.81
CA GLY B 167 3.36 0.92 6.55
C GLY B 167 3.62 1.21 5.09
N ASN B 168 3.00 0.45 4.18
CA ASN B 168 3.08 0.65 2.74
C ASN B 168 4.51 0.48 2.19
N LEU B 169 5.36 -0.27 2.87
CA LEU B 169 6.76 -0.36 2.47
C LEU B 169 7.24 -1.80 2.55
N PRO B 170 8.22 -2.18 1.71
CA PRO B 170 8.85 -3.50 1.88
C PRO B 170 9.61 -3.54 3.20
N ALA B 171 9.22 -4.48 4.05
CA ALA B 171 9.70 -4.51 5.43
C ALA B 171 10.95 -5.39 5.58
N ARG B 184 10.10 0.45 8.82
CA ARG B 184 10.21 0.73 10.25
C ARG B 184 9.09 1.64 10.75
N GLN B 185 8.21 2.10 9.84
CA GLN B 185 7.18 3.06 10.21
C GLN B 185 5.81 2.62 9.74
N THR B 186 4.79 3.15 10.40
CA THR B 186 3.39 2.87 10.08
C THR B 186 2.64 4.18 9.93
N TYR B 187 1.57 4.15 9.14
CA TYR B 187 0.62 5.23 9.03
C TYR B 187 -0.65 4.85 9.77
N PHE B 188 -1.19 5.79 10.55
CA PHE B 188 -2.48 5.56 11.19
C PHE B 188 -3.49 6.63 10.82
N GLU B 189 -4.76 6.24 10.90
CA GLU B 189 -5.90 7.11 10.68
C GLU B 189 -6.23 7.84 11.98
N ARG B 190 -6.33 9.16 11.93
CA ARG B 190 -6.61 9.94 13.13
C ARG B 190 -7.98 9.59 13.68
N ILE B 191 -8.09 9.51 15.00
CA ILE B 191 -9.32 9.00 15.61
C ILE B 191 -10.42 10.06 15.64
N ASN B 192 -10.07 11.34 15.82
CA ASN B 192 -11.14 12.32 15.98
C ASN B 192 -12.03 12.46 14.74
N PRO B 193 -11.53 12.47 13.50
CA PRO B 193 -12.46 12.49 12.36
C PRO B 193 -13.32 11.25 12.27
N VAL B 194 -12.79 10.10 12.70
CA VAL B 194 -13.56 8.86 12.70
C VAL B 194 -14.72 8.96 13.69
N LEU B 195 -14.43 9.43 14.91
CA LEU B 195 -15.50 9.60 15.89
C LEU B 195 -16.54 10.59 15.39
N SER B 196 -16.11 11.66 14.72
CA SER B 196 -17.05 12.68 14.24
C SER B 196 -17.90 12.16 13.10
N GLN B 197 -17.30 11.46 12.15
CA GLN B 197 -18.05 11.00 10.98
C GLN B 197 -19.16 10.03 11.40
N TYR B 198 -18.84 9.10 12.27
CA TYR B 198 -19.78 8.07 12.65
C TYR B 198 -20.60 8.43 13.90
N GLY B 199 -20.31 9.55 14.55
CA GLY B 199 -21.12 9.94 15.70
C GLY B 199 -20.85 9.09 16.93
N LEU B 200 -19.59 8.78 17.20
CA LEU B 200 -19.19 7.82 18.22
C LEU B 200 -18.50 8.53 19.37
N ALA B 201 -18.76 8.02 20.59
CA ALA B 201 -18.10 8.50 21.80
C ALA B 201 -17.17 7.41 22.32
N LEU B 202 -15.91 7.77 22.55
CA LEU B 202 -14.98 6.80 23.14
C LEU B 202 -15.50 6.34 24.49
N VAL B 203 -15.35 5.05 24.75
CA VAL B 203 -15.43 4.50 26.10
C VAL B 203 -14.14 4.83 26.82
N THR B 204 -14.26 5.39 28.03
CA THR B 204 -13.12 5.85 28.81
C THR B 204 -13.11 5.09 30.13
N SER B 205 -11.94 5.05 30.77
CA SER B 205 -11.81 4.40 32.07
C SER B 205 -10.71 5.04 32.89
C FMT C . 17.94 -18.96 -13.62
O1 FMT C . 18.94 -18.26 -13.53
O2 FMT C . 16.85 -18.61 -14.09
C FMT D . 10.82 3.71 -31.19
O1 FMT D . 10.00 2.79 -31.16
O2 FMT D . 11.49 4.02 -32.19
C FMT E . -4.92 11.28 -23.39
O1 FMT E . -5.99 10.68 -23.24
O2 FMT E . -4.60 11.93 -24.38
C FMT F . 25.31 2.74 -13.25
O1 FMT F . 24.85 1.99 -12.41
O2 FMT F . 26.08 3.67 -13.01
NA NA G . 0.99 -12.46 -0.89
NA NA H . 8.22 -0.73 -33.25
C1 GOL I . -5.72 -5.05 2.49
O1 GOL I . -7.13 -5.03 2.34
C2 GOL I . -5.24 -3.73 3.09
O2 GOL I . -5.31 -2.62 2.20
C3 GOL I . -3.90 -3.85 3.80
O3 GOL I . -3.42 -2.57 4.17
CL CL J . 4.27 16.32 8.36
C FMT K . -4.47 -6.37 7.97
O1 FMT K . -3.58 -5.94 8.70
O2 FMT K . -5.16 -5.67 7.22
C FMT L . -13.45 -0.10 31.36
O1 FMT L . -14.25 0.64 30.76
O2 FMT L . -13.41 -0.25 32.57
#